data_2JC9
#
_entry.id   2JC9
#
_cell.length_a   91.273
_cell.length_b   127.983
_cell.length_c   130.601
_cell.angle_alpha   90.00
_cell.angle_beta   90.00
_cell.angle_gamma   90.00
#
_symmetry.space_group_name_H-M   'I 2 2 2'
#
loop_
_entity.id
_entity.type
_entity.pdbx_description
1 polymer "CYTOSOLIC PURINE 5'-NUCLEOTIDASE"
2 non-polymer GLYCEROL
3 non-polymer 'MAGNESIUM ION'
4 non-polymer 'SULFATE ION'
5 non-polymer ADENOSINE
6 water water
#
_entity_poly.entity_id   1
_entity_poly.type   'polypeptide(L)'
_entity_poly.pdbx_seq_one_letter_code
;MGSSHHHHHHSSGLVPRGSMSTSWSDRLQNAADMPANMDKHALKKYRREAYHRVFVNRSLAMEKIKCFGFDMDYTLAVYK
SPEYESLGFELTVERLVSIGYPQELLSFAYDSTFPTRGLVFDTLYGNLLKVDAYGNLLVCAHGFNFIRGPETREQYPNKF
IQRDDTERFYILNTLFNLPETYLLACLVDFFTNCPRYTSCETGFKDGDLFMSYRSMFQDVRDAVDWVHYKGSLKEKTVEN
LEKYVVKDGKLPLLLSRMKEVGKVFLATNSDYKYTDKIMTYLFDFPHGPKPGSSHRPWQSYFDLILVDARKPLFFGEGTV
LRQVDTKTGKLKIGTYTGPLQHGIVYSGGSSDTICDLLGAKGKDILYIGDHIFGDILKSKKRQGWRTFLVIPELAQELHV
WTDKSSLFEELQSLDIFLAELYKHLDSSSNERPDISSIQRRIKKVTHDMDMCYGMMGSLFRSGSRQTLFASQVMRYADLY
AASFINLLYYPFSYLFRAAHVLMPHESTVEHTHVDINEMESPLATRNRTSVDFKDTDYKRHQLTRSISEIKPPNL
;
_entity_poly.pdbx_strand_id   A
#
loop_
_chem_comp.id
_chem_comp.type
_chem_comp.name
_chem_comp.formula
ADN non-polymer ADENOSINE 'C10 H13 N5 O4'
GOL non-polymer GLYCEROL 'C3 H8 O3'
MG non-polymer 'MAGNESIUM ION' 'Mg 2'
SO4 non-polymer 'SULFATE ION' 'O4 S -2'
#
# COMPACT_ATOMS: atom_id res chain seq x y z
N THR A 22 -14.29 -12.18 7.54
CA THR A 22 -13.97 -11.88 6.10
C THR A 22 -13.00 -10.70 6.04
N SER A 23 -11.87 -10.92 5.38
CA SER A 23 -10.86 -9.87 5.25
C SER A 23 -10.93 -9.26 3.85
N TRP A 24 -10.24 -8.12 3.66
CA TRP A 24 -10.18 -7.52 2.33
C TRP A 24 -9.61 -8.46 1.32
N SER A 25 -8.68 -9.33 1.74
CA SER A 25 -8.11 -10.22 0.76
C SER A 25 -9.09 -11.34 0.42
N ASP A 26 -9.97 -11.70 1.35
CA ASP A 26 -11.03 -12.69 1.05
C ASP A 26 -11.92 -12.20 -0.10
N ARG A 27 -12.30 -10.93 -0.02
CA ARG A 27 -13.08 -10.29 -1.09
C ARG A 27 -12.32 -10.29 -2.42
N LEU A 28 -11.05 -9.93 -2.36
CA LEU A 28 -10.23 -9.92 -3.56
C LEU A 28 -10.04 -11.31 -4.19
N GLN A 29 -9.86 -12.33 -3.35
CA GLN A 29 -9.66 -13.68 -3.86
C GLN A 29 -10.98 -14.23 -4.43
N ASN A 30 -12.10 -13.85 -3.84
CA ASN A 30 -13.40 -14.28 -4.38
C ASN A 30 -13.60 -13.74 -5.79
N ALA A 31 -13.24 -12.48 -6.00
CA ALA A 31 -13.33 -11.88 -7.33
C ALA A 31 -12.29 -12.48 -8.26
N ALA A 32 -11.10 -12.78 -7.74
CA ALA A 32 -10.01 -13.34 -8.54
C ALA A 32 -10.41 -14.70 -9.10
N ASP A 33 -11.25 -15.42 -8.36
CA ASP A 33 -11.67 -16.78 -8.73
C ASP A 33 -12.65 -16.81 -9.90
N MET A 34 -13.28 -15.66 -10.19
N MET A 34 -13.26 -15.68 -10.22
CA MET A 34 -14.23 -15.56 -11.30
CA MET A 34 -14.25 -15.62 -11.29
C MET A 34 -13.48 -15.41 -12.63
C MET A 34 -13.61 -15.32 -12.64
N PRO A 35 -13.89 -16.18 -13.66
CA PRO A 35 -13.30 -15.93 -14.97
C PRO A 35 -13.90 -14.69 -15.61
N ALA A 36 -13.17 -14.11 -16.55
CA ALA A 36 -13.61 -12.89 -17.21
C ALA A 36 -14.76 -13.24 -18.14
N ASN A 37 -15.82 -12.44 -18.11
CA ASN A 37 -16.88 -12.48 -19.13
C ASN A 37 -16.77 -11.21 -19.95
N MET A 38 -16.19 -11.31 -21.14
CA MET A 38 -15.83 -10.12 -21.91
C MET A 38 -16.95 -9.63 -22.83
N ASP A 39 -18.14 -10.21 -22.66
CA ASP A 39 -19.34 -9.66 -23.28
C ASP A 39 -19.47 -8.21 -22.84
N LYS A 40 -19.66 -7.29 -23.79
CA LYS A 40 -19.59 -5.85 -23.47
C LYS A 40 -20.66 -5.37 -22.50
N HIS A 41 -21.83 -6.01 -22.55
CA HIS A 41 -22.90 -5.66 -21.62
C HIS A 41 -22.63 -6.22 -20.22
N ALA A 42 -22.08 -7.43 -20.16
CA ALA A 42 -21.66 -7.99 -18.88
C ALA A 42 -20.59 -7.09 -18.25
N LEU A 43 -19.65 -6.61 -19.04
CA LEU A 43 -18.55 -5.77 -18.51
C LEU A 43 -19.07 -4.46 -17.92
N LYS A 44 -19.97 -3.81 -18.65
CA LYS A 44 -20.56 -2.56 -18.22
C LYS A 44 -21.33 -2.75 -16.92
N LYS A 45 -22.09 -3.83 -16.83
CA LYS A 45 -22.83 -4.15 -15.62
C LYS A 45 -21.87 -4.38 -14.43
N TYR A 46 -20.77 -5.08 -14.69
CA TYR A 46 -19.84 -5.47 -13.64
C TYR A 46 -19.15 -4.24 -13.00
N ARG A 47 -18.66 -3.33 -13.85
CA ARG A 47 -17.88 -2.19 -13.38
C ARG A 47 -18.71 -1.12 -12.70
N ARG A 48 -20.03 -1.28 -12.74
CA ARG A 48 -20.92 -0.40 -11.97
C ARG A 48 -20.96 -0.77 -10.51
N GLU A 49 -20.62 -2.02 -10.16
CA GLU A 49 -20.52 -2.40 -8.76
C GLU A 49 -19.25 -1.75 -8.23
N ALA A 50 -19.36 -1.09 -7.07
CA ALA A 50 -18.23 -0.33 -6.51
C ALA A 50 -16.97 -1.17 -6.40
N TYR A 51 -17.10 -2.44 -6.05
CA TYR A 51 -15.95 -3.37 -5.93
C TYR A 51 -15.12 -3.52 -7.19
N HIS A 52 -15.75 -3.33 -8.33
CA HIS A 52 -15.15 -3.59 -9.61
C HIS A 52 -14.95 -2.32 -10.41
N ARG A 53 -15.21 -1.20 -9.77
CA ARG A 53 -15.13 0.12 -10.41
C ARG A 53 -13.72 0.70 -10.32
N VAL A 54 -13.39 1.56 -11.30
CA VAL A 54 -12.22 2.45 -11.21
C VAL A 54 -12.75 3.85 -10.87
N PHE A 55 -12.26 4.41 -9.77
CA PHE A 55 -12.66 5.72 -9.30
C PHE A 55 -11.71 6.79 -9.85
N VAL A 56 -12.25 7.98 -10.05
CA VAL A 56 -11.59 9.03 -10.81
C VAL A 56 -11.49 10.31 -9.99
N ASN A 57 -10.24 10.71 -9.73
CA ASN A 57 -9.98 12.03 -9.13
C ASN A 57 -9.73 13.12 -10.16
N ARG A 58 -9.05 12.79 -11.24
CA ARG A 58 -8.81 13.71 -12.35
C ARG A 58 -9.07 12.97 -13.64
N SER A 59 -9.68 13.66 -14.61
CA SER A 59 -10.04 13.01 -15.85
C SER A 59 -8.81 12.42 -16.54
N LEU A 60 -9.02 11.29 -17.21
CA LEU A 60 -7.96 10.59 -17.88
C LEU A 60 -8.57 9.86 -19.10
N ALA A 61 -8.08 10.24 -20.27
CA ALA A 61 -8.49 9.63 -21.52
C ALA A 61 -7.58 8.44 -21.75
N MET A 62 -8.11 7.23 -21.60
N MET A 62 -8.12 7.24 -21.60
CA MET A 62 -7.30 6.02 -21.75
CA MET A 62 -7.32 6.02 -21.75
C MET A 62 -6.66 5.88 -23.13
C MET A 62 -6.68 5.88 -23.12
N GLU A 63 -7.31 6.45 -24.15
CA GLU A 63 -6.76 6.42 -25.50
C GLU A 63 -5.38 7.05 -25.62
N LYS A 64 -5.09 8.00 -24.74
CA LYS A 64 -3.81 8.69 -24.76
C LYS A 64 -2.70 7.95 -24.03
N ILE A 65 -3.04 6.88 -23.32
CA ILE A 65 -2.02 6.11 -22.61
C ILE A 65 -1.32 5.17 -23.58
N LYS A 66 -0.01 5.31 -23.69
CA LYS A 66 0.82 4.50 -24.58
C LYS A 66 1.56 3.40 -23.83
N CYS A 67 1.80 3.60 -22.54
CA CYS A 67 2.58 2.65 -21.70
C CYS A 67 1.88 2.42 -20.38
N PHE A 68 1.74 1.16 -20.00
CA PHE A 68 1.18 0.77 -18.73
C PHE A 68 2.30 0.16 -17.92
N GLY A 69 2.58 0.76 -16.77
CA GLY A 69 3.63 0.27 -15.87
C GLY A 69 3.09 -0.19 -14.53
N PHE A 70 3.77 -1.19 -13.97
CA PHE A 70 3.32 -1.85 -12.76
C PHE A 70 4.39 -1.97 -11.72
N ASP A 71 3.98 -1.77 -10.49
CA ASP A 71 4.66 -2.28 -9.31
C ASP A 71 4.30 -3.76 -9.13
N MET A 72 5.08 -4.49 -8.33
CA MET A 72 4.76 -5.90 -8.02
C MET A 72 4.03 -6.06 -6.67
N ASP A 73 4.73 -5.89 -5.56
CA ASP A 73 4.17 -6.25 -4.25
C ASP A 73 3.01 -5.34 -3.83
N TYR A 74 1.90 -5.96 -3.46
CA TYR A 74 0.63 -5.31 -3.13
C TYR A 74 0.01 -4.56 -4.28
N THR A 75 0.46 -4.87 -5.50
CA THR A 75 -0.16 -4.35 -6.74
C THR A 75 -0.54 -5.59 -7.56
N LEU A 76 0.41 -6.19 -8.24
CA LEU A 76 0.20 -7.46 -8.95
C LEU A 76 0.08 -8.63 -7.96
N ALA A 77 0.92 -8.60 -6.92
CA ALA A 77 0.99 -9.67 -5.93
C ALA A 77 0.41 -9.18 -4.62
N VAL A 78 -0.87 -9.47 -4.38
CA VAL A 78 -1.53 -9.03 -3.16
C VAL A 78 -1.44 -10.18 -2.15
N TYR A 79 -0.76 -9.92 -1.05
CA TYR A 79 -0.59 -10.93 0.00
C TYR A 79 -1.84 -11.10 0.84
N LYS A 80 -2.19 -12.37 1.11
CA LYS A 80 -3.41 -12.69 1.83
C LYS A 80 -3.35 -12.27 3.30
N SER A 81 -4.49 -11.79 3.80
CA SER A 81 -4.63 -11.21 5.11
C SER A 81 -5.63 -12.04 5.93
N PRO A 82 -5.34 -12.29 7.21
CA PRO A 82 -4.20 -11.79 7.98
C PRO A 82 -2.97 -12.69 7.96
N GLU A 83 -2.95 -13.72 7.13
CA GLU A 83 -1.87 -14.71 7.18
C GLU A 83 -0.50 -14.08 6.96
N TYR A 84 -0.39 -13.19 5.96
CA TYR A 84 0.93 -12.65 5.63
C TYR A 84 1.40 -11.65 6.70
N GLU A 85 0.49 -10.79 7.14
CA GLU A 85 0.84 -9.87 8.23
C GLU A 85 1.27 -10.65 9.48
N SER A 86 0.58 -11.75 9.77
N SER A 86 0.56 -11.75 9.75
CA SER A 86 0.88 -12.52 10.98
CA SER A 86 0.82 -12.57 10.93
C SER A 86 2.25 -13.18 10.89
C SER A 86 2.22 -13.20 10.89
N LEU A 87 2.60 -13.67 9.71
CA LEU A 87 3.93 -14.22 9.47
C LEU A 87 4.99 -13.14 9.66
N GLY A 88 4.77 -11.96 9.06
CA GLY A 88 5.73 -10.88 9.26
C GLY A 88 5.90 -10.49 10.71
N PHE A 89 4.78 -10.37 11.40
CA PHE A 89 4.74 -10.05 12.83
C PHE A 89 5.54 -11.07 13.63
N GLU A 90 5.25 -12.35 13.39
CA GLU A 90 5.89 -13.43 14.16
C GLU A 90 7.38 -13.39 13.98
N LEU A 91 7.83 -13.27 12.72
CA LEU A 91 9.28 -13.26 12.45
C LEU A 91 9.97 -12.01 13.02
N THR A 92 9.28 -10.87 12.97
CA THR A 92 9.83 -9.63 13.50
C THR A 92 10.00 -9.74 15.01
N VAL A 93 9.00 -10.28 15.71
CA VAL A 93 9.09 -10.50 17.14
C VAL A 93 10.24 -11.45 17.45
N GLU A 94 10.36 -12.51 16.67
CA GLU A 94 11.46 -13.48 16.91
C GLU A 94 12.82 -12.83 16.76
N ARG A 95 12.95 -11.93 15.78
CA ARG A 95 14.22 -11.20 15.58
C ARG A 95 14.50 -10.27 16.77
N LEU A 96 13.48 -9.55 17.23
CA LEU A 96 13.69 -8.69 18.38
C LEU A 96 14.11 -9.49 19.62
N VAL A 97 13.45 -10.62 19.87
CA VAL A 97 13.85 -11.46 21.00
C VAL A 97 15.30 -11.98 20.84
N SER A 98 15.68 -12.32 19.61
N SER A 98 15.63 -12.36 19.60
CA SER A 98 17.03 -12.83 19.37
CA SER A 98 16.97 -12.79 19.25
C SER A 98 18.12 -11.77 19.56
C SER A 98 18.01 -11.78 19.73
N ILE A 99 17.77 -10.49 19.47
CA ILE A 99 18.73 -9.43 19.80
C ILE A 99 18.64 -8.98 21.25
N GLY A 100 17.71 -9.54 22.02
CA GLY A 100 17.69 -9.30 23.44
C GLY A 100 16.46 -8.69 24.05
N TYR A 101 15.41 -8.48 23.25
CA TYR A 101 14.14 -8.04 23.82
C TYR A 101 13.56 -9.15 24.72
N PRO A 102 12.71 -8.76 25.68
CA PRO A 102 12.18 -9.71 26.65
C PRO A 102 11.37 -10.87 26.04
N GLN A 103 11.44 -12.03 26.68
CA GLN A 103 10.76 -13.20 26.17
C GLN A 103 9.23 -13.05 26.08
N GLU A 104 8.66 -12.13 26.87
CA GLU A 104 7.22 -11.90 26.84
C GLU A 104 6.72 -11.50 25.46
N LEU A 105 7.60 -10.95 24.64
CA LEU A 105 7.22 -10.65 23.26
C LEU A 105 6.66 -11.88 22.54
N LEU A 106 7.18 -13.07 22.87
CA LEU A 106 6.75 -14.29 22.19
C LEU A 106 5.28 -14.63 22.46
N SER A 107 4.68 -14.01 23.46
CA SER A 107 3.27 -14.20 23.77
C SER A 107 2.35 -13.30 22.94
N PHE A 108 2.93 -12.34 22.21
CA PHE A 108 2.12 -11.45 21.37
C PHE A 108 1.62 -12.29 20.18
N ALA A 109 0.48 -11.89 19.61
CA ALA A 109 -0.04 -12.48 18.38
C ALA A 109 -0.71 -11.38 17.56
N TYR A 110 -0.46 -11.39 16.26
CA TYR A 110 -0.99 -10.35 15.40
C TYR A 110 -2.51 -10.26 15.50
N ASP A 111 -3.01 -9.02 15.58
CA ASP A 111 -4.45 -8.74 15.66
C ASP A 111 -4.84 -7.78 14.55
N SER A 112 -5.48 -8.29 13.51
CA SER A 112 -5.86 -7.52 12.35
C SER A 112 -6.87 -6.43 12.66
N THR A 113 -7.55 -6.53 13.80
CA THR A 113 -8.54 -5.54 14.16
C THR A 113 -7.99 -4.23 14.70
N PHE A 114 -6.71 -4.21 15.06
CA PHE A 114 -6.12 -3.00 15.60
C PHE A 114 -5.61 -2.01 14.54
N PRO A 115 -4.65 -2.42 13.67
CA PRO A 115 -4.03 -1.40 12.83
C PRO A 115 -4.90 -1.00 11.65
N THR A 116 -4.86 0.28 11.32
CA THR A 116 -5.28 0.82 10.04
C THR A 116 -4.03 1.39 9.43
N ARG A 117 -3.94 1.35 8.11
CA ARG A 117 -2.76 1.83 7.39
C ARG A 117 -2.72 3.37 7.41
N GLY A 118 -1.51 3.92 7.32
CA GLY A 118 -1.30 5.37 7.17
C GLY A 118 -1.13 6.11 8.48
N LEU A 119 -1.05 5.39 9.59
CA LEU A 119 -0.85 6.02 10.88
C LEU A 119 0.55 6.59 10.98
N VAL A 120 0.73 7.51 11.92
CA VAL A 120 2.01 8.17 12.17
C VAL A 120 2.53 7.73 13.53
N PHE A 121 3.74 7.20 13.60
CA PHE A 121 4.34 6.94 14.88
C PHE A 121 5.16 8.18 15.30
N ASP A 122 4.82 8.69 16.48
CA ASP A 122 5.54 9.81 17.09
C ASP A 122 6.66 9.20 17.92
N THR A 123 7.89 9.29 17.41
CA THR A 123 9.04 8.67 18.11
C THR A 123 9.43 9.37 19.40
N LEU A 124 8.93 10.59 19.62
CA LEU A 124 9.25 11.28 20.86
C LEU A 124 8.46 10.70 22.02
N TYR A 125 7.14 10.60 21.86
CA TYR A 125 6.24 10.25 22.95
C TYR A 125 5.62 8.85 22.84
N GLY A 126 5.89 8.14 21.74
CA GLY A 126 5.51 6.74 21.60
C GLY A 126 4.05 6.50 21.29
N ASN A 127 3.44 7.48 20.66
CA ASN A 127 2.02 7.42 20.29
C ASN A 127 1.85 7.04 18.81
N LEU A 128 0.78 6.28 18.50
CA LEU A 128 0.33 6.15 17.14
C LEU A 128 -0.76 7.19 16.93
N LEU A 129 -0.62 7.97 15.87
CA LEU A 129 -1.53 9.08 15.55
C LEU A 129 -2.20 8.84 14.20
N LYS A 130 -3.50 9.12 14.14
CA LYS A 130 -4.21 9.22 12.88
C LYS A 130 -4.43 10.71 12.70
N VAL A 131 -3.94 11.26 11.60
CA VAL A 131 -3.99 12.69 11.35
C VAL A 131 -4.66 13.02 10.03
N ASP A 132 -5.09 14.29 9.91
CA ASP A 132 -5.57 14.80 8.64
C ASP A 132 -4.42 15.40 7.82
N ALA A 133 -4.77 15.98 6.66
CA ALA A 133 -3.77 16.49 5.72
C ALA A 133 -2.94 17.64 6.30
N TYR A 134 -3.48 18.26 7.34
CA TYR A 134 -2.90 19.43 7.97
C TYR A 134 -2.13 19.11 9.24
N GLY A 135 -2.04 17.82 9.58
CA GLY A 135 -1.38 17.41 10.82
C GLY A 135 -2.27 17.47 12.05
N ASN A 136 -3.57 17.72 11.87
CA ASN A 136 -4.47 17.74 13.01
C ASN A 136 -4.72 16.31 13.51
N LEU A 137 -4.74 16.14 14.82
CA LEU A 137 -4.92 14.83 15.42
C LEU A 137 -6.38 14.42 15.35
N LEU A 138 -6.62 13.24 14.80
CA LEU A 138 -7.94 12.60 14.78
C LEU A 138 -8.06 11.51 15.85
N VAL A 139 -6.97 10.75 16.02
CA VAL A 139 -6.88 9.68 17.01
C VAL A 139 -5.47 9.65 17.54
N CYS A 140 -5.32 9.34 18.83
CA CYS A 140 -4.03 9.20 19.48
C CYS A 140 -4.09 8.01 20.40
N ALA A 141 -3.26 6.99 20.16
CA ALA A 141 -3.21 5.82 21.04
C ALA A 141 -1.78 5.63 21.55
N HIS A 142 -1.67 5.49 22.87
CA HIS A 142 -0.40 5.18 23.53
C HIS A 142 -0.54 3.73 23.96
N GLY A 143 0.16 2.83 23.29
CA GLY A 143 -0.10 1.40 23.48
C GLY A 143 -1.53 1.13 23.00
N PHE A 144 -2.34 0.54 23.86
CA PHE A 144 -3.77 0.32 23.58
C PHE A 144 -4.69 1.31 24.34
N ASN A 145 -4.12 2.40 24.86
CA ASN A 145 -4.83 3.46 25.58
C ASN A 145 -5.14 4.56 24.59
N PHE A 146 -6.40 4.70 24.24
CA PHE A 146 -6.85 5.73 23.31
C PHE A 146 -7.10 7.00 24.13
N ILE A 147 -6.35 8.05 23.80
CA ILE A 147 -6.28 9.25 24.59
C ILE A 147 -7.36 10.21 24.08
N ARG A 148 -8.17 10.75 25.00
CA ARG A 148 -9.22 11.73 24.68
C ARG A 148 -8.60 13.10 24.38
N GLY A 149 -9.40 13.98 23.77
CA GLY A 149 -8.94 15.30 23.36
C GLY A 149 -8.20 16.11 24.41
N PRO A 150 -8.85 16.38 25.56
CA PRO A 150 -8.18 17.17 26.61
C PRO A 150 -6.82 16.66 27.05
N GLU A 151 -6.70 15.34 27.26
CA GLU A 151 -5.44 14.72 27.64
C GLU A 151 -4.39 14.81 26.51
N THR A 152 -4.82 14.76 25.25
CA THR A 152 -3.85 14.89 24.14
C THR A 152 -3.15 16.25 24.15
N ARG A 153 -3.81 17.28 24.69
CA ARG A 153 -3.20 18.62 24.69
C ARG A 153 -1.95 18.74 25.55
N GLU A 154 -1.77 17.83 26.50
CA GLU A 154 -0.56 17.87 27.31
C GLU A 154 0.69 17.70 26.42
N GLN A 155 0.62 16.74 25.48
CA GLN A 155 1.72 16.48 24.57
C GLN A 155 1.63 17.20 23.21
N TYR A 156 0.41 17.53 22.79
CA TYR A 156 0.13 18.19 21.51
C TYR A 156 -0.73 19.43 21.79
N PRO A 157 -0.11 20.51 22.25
CA PRO A 157 -0.87 21.67 22.73
C PRO A 157 -1.84 22.30 21.74
N ASN A 158 -1.55 22.19 20.45
CA ASN A 158 -2.44 22.67 19.40
C ASN A 158 -3.15 21.50 18.68
N LYS A 159 -3.16 20.30 19.29
CA LYS A 159 -3.72 19.09 18.65
C LYS A 159 -3.24 18.95 17.19
N PHE A 160 -1.94 19.08 17.04
CA PHE A 160 -1.30 19.28 15.75
C PHE A 160 0.11 18.72 15.79
N ILE A 161 0.52 18.10 14.69
CA ILE A 161 1.92 17.77 14.45
C ILE A 161 2.43 18.43 13.18
N GLN A 162 3.72 18.72 13.19
CA GLN A 162 4.43 19.25 12.03
C GLN A 162 4.84 18.07 11.17
N ARG A 163 4.09 17.86 10.10
CA ARG A 163 4.44 16.85 9.12
C ARG A 163 5.85 16.99 8.53
N ASP A 164 6.37 18.21 8.41
CA ASP A 164 7.74 18.36 7.92
C ASP A 164 8.82 17.75 8.84
N ASP A 165 8.47 17.40 10.08
CA ASP A 165 9.44 16.88 11.04
C ASP A 165 9.59 15.36 10.87
N THR A 166 10.26 14.97 9.79
CA THR A 166 10.37 13.57 9.41
C THR A 166 11.36 12.79 10.26
N GLU A 167 12.22 13.48 11.01
CA GLU A 167 13.07 12.84 12.01
C GLU A 167 12.31 12.38 13.25
N ARG A 168 11.18 13.04 13.52
CA ARG A 168 10.36 12.69 14.67
C ARG A 168 9.21 11.75 14.31
N PHE A 169 8.56 12.01 13.19
CA PHE A 169 7.31 11.32 12.81
C PHE A 169 7.54 10.38 11.61
N TYR A 170 7.04 9.15 11.73
CA TYR A 170 7.17 8.17 10.66
C TYR A 170 5.79 7.74 10.20
N ILE A 171 5.51 7.95 8.92
CA ILE A 171 4.19 7.59 8.33
C ILE A 171 4.27 6.13 7.85
N LEU A 172 3.33 5.34 8.31
CA LEU A 172 3.30 3.91 8.02
C LEU A 172 2.41 3.66 6.80
N ASN A 173 2.96 3.87 5.61
CA ASN A 173 2.20 3.99 4.37
C ASN A 173 1.70 2.75 3.69
N THR A 174 2.39 1.61 3.86
CA THR A 174 2.08 0.44 3.05
C THR A 174 1.56 -0.71 3.89
N LEU A 175 1.00 -1.68 3.19
CA LEU A 175 0.48 -2.87 3.87
C LEU A 175 1.62 -3.65 4.54
N PHE A 176 2.85 -3.51 4.06
CA PHE A 176 4.00 -4.11 4.74
C PHE A 176 4.18 -3.56 6.14
N ASN A 177 3.67 -2.34 6.39
CA ASN A 177 3.78 -1.70 7.70
C ASN A 177 2.69 -2.07 8.71
N LEU A 178 1.73 -2.91 8.32
CA LEU A 178 0.67 -3.28 9.26
C LEU A 178 1.22 -4.06 10.46
N PRO A 179 2.08 -5.07 10.23
CA PRO A 179 2.66 -5.73 11.41
C PRO A 179 3.35 -4.81 12.41
N GLU A 180 4.23 -3.93 11.90
CA GLU A 180 4.91 -3.02 12.82
C GLU A 180 3.99 -2.01 13.47
N THR A 181 2.91 -1.62 12.79
CA THR A 181 1.93 -0.74 13.40
C THR A 181 1.41 -1.39 14.68
N TYR A 182 0.98 -2.64 14.56
CA TYR A 182 0.47 -3.34 15.73
C TYR A 182 1.58 -3.63 16.75
N LEU A 183 2.77 -4.02 16.26
CA LEU A 183 3.88 -4.34 17.15
C LEU A 183 4.31 -3.13 18.01
N LEU A 184 4.36 -1.95 17.41
CA LEU A 184 4.69 -0.74 18.17
C LEU A 184 3.73 -0.55 19.35
N ALA A 185 2.43 -0.70 19.10
CA ALA A 185 1.42 -0.60 20.14
C ALA A 185 1.60 -1.69 21.20
N CYS A 186 1.85 -2.91 20.76
CA CYS A 186 2.10 -4.03 21.68
C CYS A 186 3.26 -3.73 22.62
N LEU A 187 4.35 -3.21 22.05
CA LEU A 187 5.54 -2.91 22.83
C LEU A 187 5.31 -1.81 23.82
N VAL A 188 4.73 -0.70 23.36
CA VAL A 188 4.45 0.38 24.29
C VAL A 188 3.55 -0.13 25.44
N ASP A 189 2.52 -0.89 25.08
CA ASP A 189 1.63 -1.46 26.09
C ASP A 189 2.42 -2.35 27.07
N PHE A 190 3.26 -3.22 26.53
CA PHE A 190 4.02 -4.14 27.36
C PHE A 190 4.93 -3.43 28.34
N PHE A 191 5.79 -2.54 27.83
CA PHE A 191 6.71 -1.84 28.71
C PHE A 191 6.01 -0.94 29.73
N THR A 192 4.91 -0.32 29.32
CA THR A 192 4.13 0.52 30.24
C THR A 192 3.58 -0.27 31.43
N ASN A 193 3.16 -1.49 31.18
CA ASN A 193 2.49 -2.29 32.20
C ASN A 193 3.34 -3.36 32.88
N CYS A 194 4.61 -3.49 32.48
CA CYS A 194 5.53 -4.44 33.10
C CYS A 194 6.27 -3.75 34.25
N PRO A 195 6.15 -4.28 35.49
CA PRO A 195 6.77 -3.60 36.63
C PRO A 195 8.29 -3.55 36.66
N ARG A 196 8.96 -4.28 35.77
CA ARG A 196 10.43 -4.17 35.65
C ARG A 196 10.87 -2.80 35.11
N TYR A 197 9.97 -2.10 34.44
CA TYR A 197 10.29 -0.84 33.77
C TYR A 197 9.58 0.34 34.42
N THR A 198 10.24 1.49 34.41
CA THR A 198 9.65 2.76 34.83
C THR A 198 9.45 3.67 33.63
N SER A 199 8.21 4.15 33.44
CA SER A 199 7.84 4.96 32.30
C SER A 199 8.22 6.42 32.53
N CYS A 200 8.76 7.01 31.46
N CYS A 200 8.81 7.05 31.53
CA CYS A 200 9.15 8.39 31.39
CA CYS A 200 8.87 8.51 31.51
C CYS A 200 8.42 9.00 30.16
C CYS A 200 8.31 9.02 30.20
N GLU A 201 8.38 10.32 30.01
CA GLU A 201 7.72 10.92 28.85
C GLU A 201 8.24 10.41 27.49
N THR A 202 9.53 10.12 27.41
CA THR A 202 10.15 9.77 26.13
C THR A 202 10.67 8.32 26.02
N GLY A 203 10.37 7.50 27.02
CA GLY A 203 10.74 6.08 26.96
C GLY A 203 10.64 5.38 28.29
N PHE A 204 11.44 4.33 28.47
CA PHE A 204 11.38 3.47 29.65
C PHE A 204 12.75 3.21 30.20
N LYS A 205 12.83 3.17 31.52
CA LYS A 205 14.05 2.91 32.28
C LYS A 205 13.96 1.53 32.91
N ASP A 206 15.06 0.78 32.85
CA ASP A 206 15.20 -0.43 33.66
C ASP A 206 16.57 -0.36 34.28
N GLY A 207 16.63 0.07 35.53
CA GLY A 207 17.88 0.26 36.22
C GLY A 207 18.72 1.27 35.45
N ASP A 208 19.92 0.84 35.07
CA ASP A 208 20.88 1.70 34.41
C ASP A 208 20.77 1.62 32.87
N LEU A 209 19.64 1.14 32.37
CA LEU A 209 19.41 1.11 30.92
C LEU A 209 18.17 1.93 30.57
N PHE A 210 18.32 2.87 29.62
CA PHE A 210 17.19 3.68 29.17
C PHE A 210 16.87 3.40 27.72
N MET A 211 15.60 3.05 27.44
CA MET A 211 15.15 2.76 26.09
C MET A 211 14.17 3.84 25.68
N SER A 212 14.60 4.74 24.81
CA SER A 212 13.70 5.76 24.30
C SER A 212 12.71 5.12 23.35
N TYR A 213 11.53 5.72 23.20
CA TYR A 213 10.60 5.26 22.17
C TYR A 213 11.25 5.35 20.79
N ARG A 214 12.14 6.33 20.58
CA ARG A 214 12.81 6.46 19.30
C ARG A 214 13.72 5.27 19.01
N SER A 215 14.49 4.86 20.00
CA SER A 215 15.39 3.71 19.84
C SER A 215 14.60 2.43 19.64
N MET A 216 13.49 2.31 20.36
N MET A 216 13.47 2.29 20.32
CA MET A 216 12.57 1.18 20.22
CA MET A 216 12.64 1.10 20.15
C MET A 216 12.02 1.09 18.79
C MET A 216 12.02 1.07 18.75
N PHE A 217 11.55 2.23 18.29
CA PHE A 217 11.04 2.31 16.94
C PHE A 217 12.11 1.88 15.94
N GLN A 218 13.33 2.38 16.14
CA GLN A 218 14.38 2.05 15.18
C GLN A 218 14.72 0.55 15.18
N ASP A 219 14.67 -0.07 16.36
CA ASP A 219 14.87 -1.53 16.46
C ASP A 219 13.77 -2.28 15.70
N VAL A 220 12.53 -1.81 15.81
CA VAL A 220 11.42 -2.47 15.12
C VAL A 220 11.60 -2.31 13.61
N ARG A 221 11.91 -1.11 13.16
CA ARG A 221 12.13 -0.88 11.75
C ARG A 221 13.27 -1.74 11.22
N ASP A 222 14.36 -1.78 11.98
CA ASP A 222 15.50 -2.60 11.58
C ASP A 222 15.13 -4.07 11.52
N ALA A 223 14.31 -4.51 12.46
CA ALA A 223 13.92 -5.93 12.53
C ALA A 223 13.00 -6.31 11.36
N VAL A 224 12.08 -5.41 10.98
CA VAL A 224 11.22 -5.66 9.81
C VAL A 224 12.08 -5.74 8.55
N ASP A 225 12.99 -4.79 8.38
CA ASP A 225 13.88 -4.83 7.22
C ASP A 225 14.69 -6.14 7.24
N TRP A 226 15.18 -6.51 8.40
CA TRP A 226 15.99 -7.73 8.54
C TRP A 226 15.18 -8.97 8.12
N VAL A 227 13.94 -9.10 8.59
CA VAL A 227 13.20 -10.32 8.24
C VAL A 227 12.98 -10.44 6.74
N HIS A 228 12.76 -9.30 6.09
CA HIS A 228 12.55 -9.29 4.65
C HIS A 228 13.85 -9.53 3.85
N TYR A 229 14.99 -9.12 4.39
CA TYR A 229 16.21 -9.10 3.59
C TYR A 229 17.26 -10.12 4.00
N LYS A 230 17.28 -10.49 5.27
CA LYS A 230 18.29 -11.40 5.83
C LYS A 230 17.65 -12.64 6.49
N GLY A 231 16.40 -12.51 6.89
CA GLY A 231 15.68 -13.56 7.58
C GLY A 231 14.94 -14.48 6.64
N SER A 232 13.92 -15.15 7.18
CA SER A 232 13.24 -16.27 6.52
C SER A 232 11.89 -15.93 5.86
N LEU A 233 11.51 -14.65 5.84
CA LEU A 233 10.13 -14.32 5.41
C LEU A 233 9.91 -14.72 3.96
N LYS A 234 10.85 -14.38 3.08
CA LYS A 234 10.68 -14.68 1.66
C LYS A 234 10.68 -16.20 1.43
N GLU A 235 11.58 -16.92 2.11
CA GLU A 235 11.60 -18.39 1.97
C GLU A 235 10.26 -19.01 2.37
N LYS A 236 9.71 -18.58 3.51
CA LYS A 236 8.43 -19.10 4.00
C LYS A 236 7.28 -18.72 3.08
N THR A 237 7.36 -17.53 2.49
CA THR A 237 6.32 -17.11 1.56
C THR A 237 6.31 -18.00 0.33
N VAL A 238 7.48 -18.18 -0.29
N VAL A 238 7.47 -18.20 -0.29
CA VAL A 238 7.59 -18.92 -1.55
CA VAL A 238 7.53 -18.91 -1.56
C VAL A 238 7.30 -20.41 -1.37
C VAL A 238 7.39 -20.42 -1.40
N GLU A 239 7.52 -20.91 -0.16
CA GLU A 239 7.30 -22.35 0.10
C GLU A 239 5.81 -22.68 0.26
N ASN A 240 4.96 -21.66 0.41
CA ASN A 240 3.52 -21.84 0.46
C ASN A 240 2.79 -20.63 -0.17
N LEU A 241 2.96 -20.53 -1.48
CA LEU A 241 2.42 -19.39 -2.21
C LEU A 241 0.91 -19.31 -2.15
N GLU A 242 0.24 -20.47 -2.17
CA GLU A 242 -1.21 -20.50 -2.09
C GLU A 242 -1.73 -19.94 -0.77
N LYS A 243 -0.98 -20.17 0.32
CA LYS A 243 -1.38 -19.64 1.62
C LYS A 243 -1.25 -18.11 1.68
N TYR A 244 -0.23 -17.59 0.99
CA TYR A 244 0.17 -16.19 1.19
C TYR A 244 -0.11 -15.22 0.05
N VAL A 245 -0.43 -15.67 -1.15
CA VAL A 245 -0.51 -14.76 -2.31
C VAL A 245 -1.77 -14.99 -3.14
N VAL A 246 -2.54 -13.93 -3.36
CA VAL A 246 -3.71 -14.00 -4.26
C VAL A 246 -3.27 -14.21 -5.70
N LYS A 247 -3.99 -15.10 -6.38
CA LYS A 247 -3.72 -15.51 -7.72
C LYS A 247 -5.00 -15.27 -8.54
N ASP A 248 -4.88 -14.73 -9.75
CA ASP A 248 -6.04 -14.32 -10.57
C ASP A 248 -5.79 -14.57 -12.04
N GLY A 249 -6.53 -15.54 -12.59
CA GLY A 249 -6.33 -15.88 -14.00
C GLY A 249 -6.63 -14.78 -15.01
N LYS A 250 -7.29 -13.72 -14.55
CA LYS A 250 -7.58 -12.56 -15.41
C LYS A 250 -6.34 -11.69 -15.63
N LEU A 251 -5.28 -11.90 -14.84
CA LEU A 251 -4.07 -11.05 -15.02
C LEU A 251 -3.47 -11.13 -16.40
N PRO A 252 -3.12 -12.34 -16.90
CA PRO A 252 -2.60 -12.31 -18.25
C PRO A 252 -3.55 -11.81 -19.30
N LEU A 253 -4.86 -11.96 -19.05
CA LEU A 253 -5.82 -11.42 -19.98
C LEU A 253 -5.68 -9.90 -20.05
N LEU A 254 -5.70 -9.23 -18.89
CA LEU A 254 -5.55 -7.77 -18.90
C LEU A 254 -4.23 -7.32 -19.54
N LEU A 255 -3.11 -7.94 -19.14
CA LEU A 255 -1.83 -7.55 -19.74
C LEU A 255 -1.74 -7.79 -21.22
N SER A 256 -2.31 -8.93 -21.71
CA SER A 256 -2.30 -9.16 -23.13
C SER A 256 -3.08 -8.09 -23.87
N ARG A 257 -4.18 -7.65 -23.27
CA ARG A 257 -5.00 -6.59 -23.88
C ARG A 257 -4.26 -5.24 -23.90
N MET A 258 -3.54 -4.93 -22.83
CA MET A 258 -2.75 -3.72 -22.79
C MET A 258 -1.66 -3.73 -23.88
N LYS A 259 -1.05 -4.89 -24.10
CA LYS A 259 0.01 -5.00 -25.12
C LYS A 259 -0.51 -4.81 -26.53
N GLU A 260 -1.81 -5.07 -26.74
CA GLU A 260 -2.44 -4.83 -28.03
C GLU A 260 -2.50 -3.33 -28.37
N VAL A 261 -2.62 -2.47 -27.36
CA VAL A 261 -2.75 -1.03 -27.61
C VAL A 261 -1.54 -0.21 -27.18
N GLY A 262 -0.60 -0.81 -26.46
CA GLY A 262 0.55 -0.05 -25.98
C GLY A 262 1.64 -0.95 -25.48
N LYS A 263 2.55 -0.37 -24.72
CA LYS A 263 3.64 -1.09 -24.13
C LYS A 263 3.34 -1.34 -22.65
N VAL A 264 3.94 -2.39 -22.11
CA VAL A 264 3.74 -2.81 -20.74
C VAL A 264 5.09 -2.96 -20.03
N PHE A 265 5.24 -2.38 -18.85
CA PHE A 265 6.48 -2.54 -18.13
C PHE A 265 6.29 -2.85 -16.67
N LEU A 266 7.33 -3.44 -16.08
CA LEU A 266 7.41 -3.71 -14.64
C LEU A 266 8.54 -2.84 -14.10
N ALA A 267 8.30 -2.12 -13.01
CA ALA A 267 9.36 -1.38 -12.33
C ALA A 267 9.10 -1.60 -10.84
N THR A 268 9.91 -2.44 -10.23
CA THR A 268 9.69 -2.94 -8.91
C THR A 268 10.92 -2.79 -8.04
N ASN A 269 10.71 -2.55 -6.76
CA ASN A 269 11.82 -2.47 -5.82
C ASN A 269 12.42 -3.83 -5.46
N SER A 270 11.66 -4.91 -5.68
CA SER A 270 12.13 -6.25 -5.40
C SER A 270 13.29 -6.66 -6.30
N ASP A 271 14.07 -7.65 -5.86
CA ASP A 271 15.18 -8.16 -6.67
C ASP A 271 14.71 -9.21 -7.67
N TYR A 272 15.60 -9.58 -8.60
CA TYR A 272 15.17 -10.48 -9.68
C TYR A 272 14.70 -11.83 -9.16
N LYS A 273 15.45 -12.45 -8.24
CA LYS A 273 15.12 -13.82 -7.83
C LYS A 273 13.73 -13.88 -7.19
N TYR A 274 13.43 -12.93 -6.31
CA TYR A 274 12.11 -12.94 -5.65
C TYR A 274 10.99 -12.55 -6.66
N THR A 275 11.29 -11.56 -7.50
CA THR A 275 10.34 -11.15 -8.54
C THR A 275 9.97 -12.34 -9.43
N ASP A 276 10.98 -13.11 -9.83
CA ASP A 276 10.76 -14.28 -10.68
C ASP A 276 9.89 -15.33 -9.99
N LYS A 277 10.15 -15.58 -8.72
CA LYS A 277 9.34 -16.55 -7.99
C LYS A 277 7.88 -16.14 -7.92
N ILE A 278 7.65 -14.90 -7.53
CA ILE A 278 6.28 -14.42 -7.34
C ILE A 278 5.56 -14.30 -8.67
N MET A 279 6.23 -13.69 -9.65
CA MET A 279 5.61 -13.54 -10.97
C MET A 279 5.28 -14.89 -11.58
N THR A 280 6.18 -15.86 -11.43
CA THR A 280 5.90 -17.19 -11.98
C THR A 280 4.60 -17.72 -11.38
N TYR A 281 4.44 -17.59 -10.08
CA TYR A 281 3.20 -18.02 -9.40
C TYR A 281 1.96 -17.29 -9.92
N LEU A 282 2.07 -15.98 -10.11
CA LEU A 282 0.94 -15.20 -10.58
C LEU A 282 0.46 -15.59 -11.96
N PHE A 283 1.32 -16.21 -12.76
CA PHE A 283 0.95 -16.68 -14.10
C PHE A 283 0.83 -18.21 -14.18
N ASP A 284 0.86 -18.88 -13.03
CA ASP A 284 0.82 -20.34 -12.98
C ASP A 284 -0.62 -20.87 -13.11
N PHE A 285 -1.06 -20.94 -14.37
CA PHE A 285 -2.35 -21.50 -14.78
C PHE A 285 -2.08 -22.43 -15.94
N PRO A 286 -3.01 -23.36 -16.23
CA PRO A 286 -2.82 -24.25 -17.36
C PRO A 286 -3.20 -23.60 -18.71
N HIS A 287 -3.04 -22.29 -18.79
CA HIS A 287 -3.40 -21.52 -19.96
C HIS A 287 -2.61 -20.21 -19.94
N GLY A 288 -2.63 -19.52 -21.08
CA GLY A 288 -2.10 -18.16 -21.21
C GLY A 288 -3.16 -17.11 -20.92
N PRO A 289 -3.26 -16.09 -21.77
CA PRO A 289 -4.25 -15.02 -21.48
C PRO A 289 -5.67 -15.50 -21.17
N LYS A 290 -6.17 -16.48 -21.90
N LYS A 290 -6.13 -16.51 -21.92
CA LYS A 290 -7.53 -16.98 -21.60
CA LYS A 290 -7.49 -17.03 -21.81
C LYS A 290 -7.50 -18.49 -21.67
C LYS A 290 -7.45 -18.55 -21.66
N PRO A 291 -8.44 -19.14 -20.97
CA PRO A 291 -8.54 -20.58 -21.02
C PRO A 291 -8.49 -21.12 -22.46
N GLY A 292 -7.78 -22.21 -22.67
CA GLY A 292 -7.60 -22.75 -24.00
C GLY A 292 -6.32 -22.34 -24.71
N SER A 293 -5.71 -21.23 -24.26
CA SER A 293 -4.49 -20.72 -24.90
C SER A 293 -3.27 -21.32 -24.25
N SER A 294 -2.20 -21.42 -25.02
CA SER A 294 -0.92 -21.89 -24.49
C SER A 294 -0.41 -20.98 -23.39
N HIS A 295 0.12 -21.60 -22.34
CA HIS A 295 0.78 -20.83 -21.28
C HIS A 295 2.03 -20.17 -21.84
N ARG A 296 2.27 -18.96 -21.32
N ARG A 296 2.28 -18.91 -21.45
CA ARG A 296 3.36 -18.07 -21.69
CA ARG A 296 3.51 -18.19 -21.84
C ARG A 296 4.12 -17.64 -20.44
C ARG A 296 4.20 -17.73 -20.54
N PRO A 297 5.44 -17.64 -20.48
N PRO A 297 5.53 -17.59 -20.56
CA PRO A 297 6.23 -17.10 -19.37
CA PRO A 297 6.15 -17.18 -19.30
C PRO A 297 5.79 -15.70 -18.97
C PRO A 297 5.87 -15.72 -18.97
N TRP A 298 5.87 -15.39 -17.69
CA TRP A 298 5.51 -14.07 -17.23
C TRP A 298 6.27 -12.97 -17.95
N GLN A 299 7.55 -13.22 -18.24
CA GLN A 299 8.37 -12.18 -18.85
C GLN A 299 7.87 -11.74 -20.21
N SER A 300 7.16 -12.65 -20.89
CA SER A 300 6.68 -12.34 -22.24
C SER A 300 5.59 -11.29 -22.29
N TYR A 301 5.00 -10.96 -21.14
CA TYR A 301 3.94 -9.98 -21.08
C TYR A 301 4.48 -8.55 -20.94
N PHE A 302 5.80 -8.41 -20.85
CA PHE A 302 6.43 -7.11 -20.58
C PHE A 302 7.38 -6.71 -21.68
N ASP A 303 7.26 -5.45 -22.13
CA ASP A 303 8.24 -4.89 -23.05
C ASP A 303 9.52 -4.46 -22.35
N LEU A 304 9.43 -4.20 -21.05
CA LEU A 304 10.57 -3.79 -20.23
C LEU A 304 10.36 -4.27 -18.81
N ILE A 305 11.39 -4.90 -18.25
CA ILE A 305 11.35 -5.41 -16.90
C ILE A 305 12.50 -4.79 -16.14
N LEU A 306 12.20 -4.11 -15.03
CA LEU A 306 13.23 -3.41 -14.23
C LEU A 306 13.00 -3.73 -12.75
N VAL A 307 14.03 -4.29 -12.12
CA VAL A 307 14.01 -4.67 -10.73
C VAL A 307 14.99 -3.77 -9.98
N ASP A 308 15.03 -3.95 -8.68
CA ASP A 308 15.88 -3.12 -7.80
C ASP A 308 15.69 -1.63 -8.09
N ALA A 309 14.44 -1.19 -8.29
CA ALA A 309 14.18 0.15 -8.81
C ALA A 309 14.58 1.27 -7.86
N ARG A 310 14.54 0.99 -6.56
CA ARG A 310 14.80 2.01 -5.53
C ARG A 310 13.89 3.23 -5.71
N LYS A 311 12.60 2.98 -5.87
CA LYS A 311 11.63 4.07 -5.79
C LYS A 311 11.54 4.57 -4.33
N PRO A 312 11.39 5.90 -4.10
CA PRO A 312 11.23 6.96 -5.10
C PRO A 312 12.47 7.64 -5.67
N LEU A 313 13.66 7.26 -5.21
CA LEU A 313 14.90 7.77 -5.83
C LEU A 313 14.89 7.57 -7.33
N PHE A 314 14.31 6.45 -7.77
CA PHE A 314 14.07 6.15 -9.15
C PHE A 314 13.52 7.32 -9.98
N PHE A 315 12.62 8.10 -9.37
CA PHE A 315 11.96 9.20 -10.08
C PHE A 315 12.75 10.52 -10.05
N GLY A 316 13.90 10.48 -9.37
CA GLY A 316 14.91 11.55 -9.45
C GLY A 316 16.15 11.05 -10.20
N GLU A 317 17.32 11.13 -9.55
CA GLU A 317 18.57 10.73 -10.18
C GLU A 317 18.66 9.22 -10.40
N GLY A 318 17.90 8.46 -9.62
CA GLY A 318 17.98 7.01 -9.69
C GLY A 318 19.34 6.49 -9.30
N THR A 319 19.67 5.33 -9.83
CA THR A 319 20.93 4.67 -9.58
C THR A 319 21.48 4.21 -10.92
N VAL A 320 22.73 3.75 -10.93
CA VAL A 320 23.35 3.27 -12.12
C VAL A 320 22.51 2.14 -12.74
N LEU A 321 22.36 2.17 -14.06
CA LEU A 321 21.65 1.10 -14.79
C LEU A 321 22.51 -0.15 -14.88
N ARG A 322 21.97 -1.27 -14.38
CA ARG A 322 22.65 -2.55 -14.41
C ARG A 322 21.81 -3.55 -15.22
N GLN A 323 22.46 -4.63 -15.63
CA GLN A 323 21.80 -5.75 -16.32
C GLN A 323 21.82 -6.97 -15.41
N VAL A 324 20.68 -7.62 -15.28
CA VAL A 324 20.59 -8.87 -14.53
C VAL A 324 21.02 -10.05 -15.42
N ASP A 325 21.86 -10.93 -14.86
CA ASP A 325 22.12 -12.23 -15.46
C ASP A 325 21.01 -13.15 -14.96
N THR A 326 20.05 -13.43 -15.84
CA THR A 326 18.82 -14.09 -15.39
C THR A 326 19.00 -15.58 -15.09
N LYS A 327 20.10 -16.15 -15.56
CA LYS A 327 20.45 -17.53 -15.24
C LYS A 327 20.88 -17.70 -13.77
N THR A 328 21.68 -16.77 -13.28
CA THR A 328 22.20 -16.82 -11.91
C THR A 328 21.45 -15.93 -10.95
N GLY A 329 20.80 -14.90 -11.49
CA GLY A 329 20.07 -13.94 -10.67
C GLY A 329 20.96 -12.87 -10.08
N LYS A 330 22.23 -12.87 -10.49
CA LYS A 330 23.18 -11.85 -10.05
C LYS A 330 23.25 -10.75 -11.10
N LEU A 331 23.70 -9.58 -10.68
CA LEU A 331 23.93 -8.51 -11.65
C LEU A 331 25.22 -8.74 -12.39
N LYS A 332 25.22 -8.44 -13.68
CA LYS A 332 26.45 -8.43 -14.47
C LYS A 332 27.31 -7.29 -13.94
N ILE A 333 28.63 -7.42 -14.03
CA ILE A 333 29.52 -6.37 -13.57
C ILE A 333 29.59 -5.24 -14.59
N GLY A 334 29.41 -4.02 -14.13
CA GLY A 334 29.48 -2.83 -14.99
C GLY A 334 28.13 -2.16 -15.16
N THR A 335 28.18 -0.93 -15.63
CA THR A 335 26.97 -0.21 -16.03
C THR A 335 26.58 -0.69 -17.41
N TYR A 336 25.28 -0.90 -17.63
CA TYR A 336 24.79 -1.35 -18.92
C TYR A 336 24.54 -0.15 -19.83
N THR A 337 25.21 -0.17 -21.00
CA THR A 337 25.24 0.96 -21.93
C THR A 337 24.55 0.63 -23.27
N GLY A 338 23.98 -0.56 -23.37
CA GLY A 338 23.39 -1.06 -24.60
C GLY A 338 21.92 -0.71 -24.75
N PRO A 339 21.29 -1.26 -25.79
CA PRO A 339 19.91 -0.96 -26.11
C PRO A 339 18.93 -1.90 -25.42
N LEU A 340 17.65 -1.58 -25.59
CA LEU A 340 16.59 -2.50 -25.21
C LEU A 340 16.68 -3.66 -26.18
N GLN A 341 16.82 -4.87 -25.66
CA GLN A 341 16.83 -6.08 -26.49
C GLN A 341 15.90 -7.10 -25.89
N HIS A 342 15.45 -8.01 -26.74
CA HIS A 342 14.56 -9.06 -26.29
C HIS A 342 15.22 -9.86 -25.17
N GLY A 343 14.49 -10.03 -24.07
CA GLY A 343 14.94 -10.89 -22.98
C GLY A 343 15.77 -10.22 -21.90
N ILE A 344 16.20 -8.98 -22.14
CA ILE A 344 17.01 -8.23 -21.16
C ILE A 344 16.16 -7.87 -19.94
N VAL A 345 16.80 -7.90 -18.77
CA VAL A 345 16.18 -7.49 -17.55
C VAL A 345 17.14 -6.46 -16.93
N TYR A 346 16.58 -5.31 -16.56
CA TYR A 346 17.35 -4.22 -15.97
C TYR A 346 17.25 -4.20 -14.47
N SER A 347 18.24 -3.54 -13.85
CA SER A 347 18.25 -3.30 -12.41
C SER A 347 18.69 -1.85 -12.17
N GLY A 348 18.00 -1.17 -11.27
CA GLY A 348 18.32 0.22 -10.94
C GLY A 348 17.88 1.19 -11.99
N GLY A 349 18.78 2.04 -12.47
CA GLY A 349 18.40 3.07 -13.43
C GLY A 349 17.47 4.14 -12.85
N SER A 350 16.66 4.74 -13.71
CA SER A 350 15.74 5.77 -13.29
C SER A 350 14.52 5.77 -14.18
N SER A 351 13.56 6.60 -13.84
CA SER A 351 12.36 6.71 -14.65
C SER A 351 12.69 7.16 -16.08
N ASP A 352 13.79 7.91 -16.25
CA ASP A 352 14.22 8.31 -17.58
C ASP A 352 14.64 7.11 -18.44
N THR A 353 15.11 6.03 -17.81
CA THR A 353 15.40 4.81 -18.53
C THR A 353 14.14 4.31 -19.25
N ILE A 354 13.04 4.29 -18.52
CA ILE A 354 11.78 3.82 -19.08
C ILE A 354 11.28 4.72 -20.20
N CYS A 355 11.27 6.02 -19.96
CA CYS A 355 10.86 6.97 -20.99
C CYS A 355 11.68 6.86 -22.27
N ASP A 356 12.99 6.81 -22.12
N ASP A 356 12.99 6.79 -22.09
CA ASP A 356 13.85 6.75 -23.29
CA ASP A 356 13.94 6.71 -23.22
C ASP A 356 13.61 5.45 -24.06
C ASP A 356 13.77 5.45 -24.05
N LEU A 357 13.69 4.32 -23.37
CA LEU A 357 13.63 3.01 -24.05
C LEU A 357 12.28 2.69 -24.65
N LEU A 358 11.20 3.18 -24.05
CA LEU A 358 9.87 2.95 -24.57
C LEU A 358 9.34 4.10 -25.44
N GLY A 359 10.11 5.18 -25.57
CA GLY A 359 9.74 6.28 -26.45
C GLY A 359 8.53 7.04 -25.93
N ALA A 360 8.51 7.24 -24.61
CA ALA A 360 7.35 7.79 -23.91
C ALA A 360 7.69 9.08 -23.19
N LYS A 361 6.70 9.94 -23.05
CA LYS A 361 6.73 11.07 -22.17
C LYS A 361 5.81 10.69 -20.98
N GLY A 362 5.97 11.36 -19.86
CA GLY A 362 5.23 11.02 -18.66
C GLY A 362 3.72 10.91 -18.81
N LYS A 363 3.10 11.82 -19.55
CA LYS A 363 1.63 11.80 -19.65
C LYS A 363 1.11 10.66 -20.54
N ASP A 364 2.02 10.01 -21.24
CA ASP A 364 1.74 8.82 -22.05
C ASP A 364 1.78 7.57 -21.16
N ILE A 365 2.22 7.69 -19.90
CA ILE A 365 2.43 6.54 -19.01
C ILE A 365 1.39 6.53 -17.90
N LEU A 366 0.76 5.36 -17.70
CA LEU A 366 -0.08 5.12 -16.53
C LEU A 366 0.70 4.16 -15.66
N TYR A 367 1.11 4.63 -14.49
CA TYR A 367 1.83 3.78 -13.54
C TYR A 367 0.90 3.35 -12.41
N ILE A 368 0.93 2.04 -12.14
CA ILE A 368 -0.03 1.36 -11.29
C ILE A 368 0.73 0.79 -10.09
N GLY A 369 0.41 1.26 -8.90
CA GLY A 369 1.10 0.80 -7.68
C GLY A 369 0.32 1.09 -6.42
N ASP A 370 0.82 0.61 -5.26
CA ASP A 370 0.12 0.73 -4.00
C ASP A 370 0.75 1.71 -3.01
N HIS A 371 1.96 2.19 -3.33
CA HIS A 371 2.69 3.05 -2.41
C HIS A 371 2.35 4.51 -2.69
N ILE A 372 1.53 5.11 -1.84
CA ILE A 372 1.04 6.45 -2.07
C ILE A 372 2.16 7.47 -2.23
N PHE A 373 3.25 7.27 -1.49
CA PHE A 373 4.40 8.15 -1.57
C PHE A 373 5.38 7.76 -2.67
N GLY A 374 5.87 6.52 -2.64
CA GLY A 374 6.95 6.13 -3.48
C GLY A 374 6.60 5.79 -4.89
N ASP A 375 5.35 5.38 -5.13
CA ASP A 375 4.86 5.03 -6.46
C ASP A 375 4.06 6.18 -7.09
N ILE A 376 3.25 6.85 -6.29
CA ILE A 376 2.21 7.72 -6.84
C ILE A 376 2.55 9.22 -6.67
N LEU A 377 2.68 9.66 -5.44
CA LEU A 377 3.04 11.07 -5.20
C LEU A 377 4.32 11.45 -5.96
N LYS A 378 5.35 10.62 -5.85
CA LYS A 378 6.64 11.01 -6.42
C LYS A 378 6.68 10.90 -7.93
N SER A 379 5.99 9.92 -8.52
CA SER A 379 5.97 9.86 -9.97
C SER A 379 5.17 11.05 -10.57
N LYS A 380 4.09 11.41 -9.88
CA LYS A 380 3.28 12.55 -10.28
C LYS A 380 4.08 13.85 -10.15
N LYS A 381 4.62 14.09 -8.97
CA LYS A 381 5.26 15.41 -8.71
C LYS A 381 6.58 15.56 -9.46
N ARG A 382 7.37 14.49 -9.50
CA ARG A 382 8.70 14.58 -10.11
C ARG A 382 8.68 14.45 -11.62
N GLN A 383 7.72 13.69 -12.17
CA GLN A 383 7.78 13.35 -13.58
C GLN A 383 6.50 13.56 -14.37
N GLY A 384 5.40 13.94 -13.71
CA GLY A 384 4.18 14.17 -14.45
C GLY A 384 3.64 12.92 -15.10
N TRP A 385 3.90 11.77 -14.49
CA TRP A 385 3.28 10.51 -14.92
C TRP A 385 1.79 10.50 -14.55
N ARG A 386 0.98 9.76 -15.32
CA ARG A 386 -0.38 9.46 -14.86
C ARG A 386 -0.33 8.31 -13.87
N THR A 387 -1.26 8.31 -12.91
CA THR A 387 -1.18 7.43 -11.75
C THR A 387 -2.46 6.68 -11.47
N PHE A 388 -2.28 5.41 -11.09
CA PHE A 388 -3.36 4.53 -10.65
C PHE A 388 -2.95 3.90 -9.33
N LEU A 389 -3.67 4.24 -8.27
CA LEU A 389 -3.38 3.71 -6.94
C LEU A 389 -4.28 2.52 -6.68
N VAL A 390 -3.64 1.37 -6.39
CA VAL A 390 -4.32 0.18 -5.89
C VAL A 390 -4.43 0.30 -4.39
N ILE A 391 -5.64 0.12 -3.86
CA ILE A 391 -5.91 0.17 -2.42
C ILE A 391 -6.59 -1.11 -2.02
N PRO A 392 -5.78 -2.13 -1.69
CA PRO A 392 -6.39 -3.45 -1.48
C PRO A 392 -7.52 -3.49 -0.45
N GLU A 393 -7.42 -2.71 0.62
CA GLU A 393 -8.44 -2.68 1.68
C GLU A 393 -9.75 -2.07 1.20
N LEU A 394 -9.75 -1.42 0.05
CA LEU A 394 -10.96 -0.74 -0.41
C LEU A 394 -12.14 -1.68 -0.57
N ALA A 395 -11.90 -2.94 -0.92
CA ALA A 395 -13.00 -3.89 -1.08
C ALA A 395 -13.75 -3.94 0.24
N GLN A 396 -13.02 -4.18 1.33
CA GLN A 396 -13.66 -4.25 2.64
C GLN A 396 -14.18 -2.90 3.09
N GLU A 397 -13.44 -1.82 2.86
CA GLU A 397 -13.92 -0.49 3.23
C GLU A 397 -15.24 -0.15 2.53
N LEU A 398 -15.38 -0.56 1.27
CA LEU A 398 -16.63 -0.31 0.53
C LEU A 398 -17.80 -1.07 1.14
N HIS A 399 -17.57 -2.32 1.54
CA HIS A 399 -18.61 -3.12 2.21
C HIS A 399 -19.11 -2.40 3.45
N VAL A 400 -18.19 -1.94 4.29
CA VAL A 400 -18.55 -1.23 5.50
C VAL A 400 -19.24 0.10 5.21
N TRP A 401 -18.71 0.85 4.25
CA TRP A 401 -19.27 2.15 3.87
C TRP A 401 -20.74 2.03 3.46
N THR A 402 -21.08 1.03 2.66
CA THR A 402 -22.47 0.80 2.24
C THR A 402 -23.31 0.17 3.36
N ASP A 403 -22.77 -0.88 3.99
CA ASP A 403 -23.47 -1.61 5.06
C ASP A 403 -23.82 -0.74 6.28
N LYS A 404 -23.02 0.30 6.53
CA LYS A 404 -23.22 1.18 7.69
C LYS A 404 -23.44 2.63 7.26
N SER A 405 -23.98 2.82 6.06
CA SER A 405 -24.22 4.16 5.52
C SER A 405 -25.10 5.04 6.41
N SER A 406 -25.95 4.39 7.22
CA SER A 406 -26.91 5.10 8.07
C SER A 406 -26.24 5.91 9.19
N LEU A 407 -25.09 5.45 9.66
CA LEU A 407 -24.33 6.16 10.70
C LEU A 407 -23.71 7.44 10.14
N PHE A 408 -23.13 7.36 8.94
CA PHE A 408 -22.57 8.53 8.26
C PHE A 408 -23.67 9.52 7.86
N GLU A 409 -24.75 8.98 7.31
CA GLU A 409 -25.94 9.79 6.98
C GLU A 409 -26.41 10.57 8.20
N GLU A 410 -26.50 9.89 9.34
CA GLU A 410 -26.88 10.55 10.59
C GLU A 410 -25.88 11.64 10.98
N LEU A 411 -24.59 11.32 10.89
CA LEU A 411 -23.53 12.29 11.21
C LEU A 411 -23.64 13.53 10.34
N GLN A 412 -23.90 13.33 9.05
CA GLN A 412 -24.13 14.44 8.11
C GLN A 412 -25.29 15.34 8.57
N SER A 413 -26.38 14.71 9.01
CA SER A 413 -27.55 15.43 9.51
C SER A 413 -27.26 16.16 10.82
N LEU A 414 -26.53 15.50 11.72
CA LEU A 414 -26.13 16.10 13.00
C LEU A 414 -25.23 17.33 12.80
N ASP A 415 -24.27 17.21 11.89
CA ASP A 415 -23.39 18.34 11.53
C ASP A 415 -24.21 19.53 10.99
N ILE A 416 -25.20 19.23 10.16
CA ILE A 416 -26.09 20.25 9.57
C ILE A 416 -26.98 20.92 10.61
N PHE A 417 -27.57 20.10 11.49
CA PHE A 417 -28.45 20.59 12.57
C PHE A 417 -27.68 21.43 13.60
N LEU A 418 -26.37 21.20 13.71
CA LEU A 418 -25.48 22.06 14.52
C LEU A 418 -25.40 23.47 13.95
N ALA A 419 -25.82 23.64 12.69
CA ALA A 419 -25.98 24.96 12.07
C ALA A 419 -27.45 25.38 12.10
N GLN A 439 -23.62 17.47 19.69
CA GLN A 439 -22.18 17.69 19.77
C GLN A 439 -21.50 16.50 20.44
N ARG A 440 -22.06 16.05 21.56
CA ARG A 440 -21.63 14.80 22.19
C ARG A 440 -22.27 13.61 21.47
N ARG A 441 -23.42 13.84 20.84
CA ARG A 441 -24.03 12.86 19.93
C ARG A 441 -23.16 12.67 18.67
N ILE A 442 -22.53 13.76 18.23
CA ILE A 442 -21.60 13.72 17.09
C ILE A 442 -20.37 12.87 17.42
N LYS A 443 -19.84 13.01 18.64
CA LYS A 443 -18.70 12.22 19.09
C LYS A 443 -19.05 10.74 19.23
N LYS A 444 -20.28 10.47 19.69
CA LYS A 444 -20.74 9.11 19.89
C LYS A 444 -20.96 8.40 18.56
N VAL A 445 -21.61 9.07 17.61
CA VAL A 445 -21.83 8.49 16.29
C VAL A 445 -20.51 8.32 15.51
N THR A 446 -19.62 9.32 15.62
CA THR A 446 -18.25 9.25 15.05
C THR A 446 -17.52 8.00 15.53
N HIS A 447 -17.55 7.78 16.85
CA HIS A 447 -16.92 6.60 17.44
C HIS A 447 -17.54 5.30 16.94
N ASP A 448 -18.88 5.21 16.98
CA ASP A 448 -19.58 4.00 16.52
C ASP A 448 -19.29 3.69 15.03
N MET A 449 -19.30 4.73 14.21
CA MET A 449 -18.98 4.59 12.80
C MET A 449 -17.55 4.07 12.63
N ASP A 450 -16.61 4.74 13.29
CA ASP A 450 -15.18 4.39 13.17
C ASP A 450 -14.92 2.95 13.64
N MET A 451 -15.60 2.53 14.70
CA MET A 451 -15.38 1.20 15.25
C MET A 451 -15.77 0.06 14.31
N CYS A 452 -16.65 0.35 13.33
CA CYS A 452 -17.05 -0.64 12.34
C CYS A 452 -15.87 -1.08 11.47
N TYR A 453 -14.85 -0.22 11.38
CA TYR A 453 -13.72 -0.52 10.53
C TYR A 453 -12.58 -1.18 11.26
N GLY A 454 -12.51 -0.99 12.57
CA GLY A 454 -11.39 -1.44 13.37
C GLY A 454 -11.07 -0.42 14.45
N MET A 455 -10.11 -0.75 15.31
CA MET A 455 -9.83 0.12 16.46
C MET A 455 -9.24 1.50 16.03
N MET A 456 -8.62 1.50 14.87
CA MET A 456 -8.06 2.73 14.31
C MET A 456 -8.88 3.30 13.18
N GLY A 457 -10.10 2.81 13.03
CA GLY A 457 -11.04 3.41 12.09
C GLY A 457 -10.72 3.18 10.63
N SER A 458 -11.44 3.89 9.79
CA SER A 458 -11.31 3.81 8.37
C SER A 458 -9.96 4.37 7.95
N LEU A 459 -9.43 3.78 6.90
CA LEU A 459 -8.26 4.28 6.18
C LEU A 459 -8.48 5.74 5.75
N PHE A 460 -9.73 6.08 5.45
CA PHE A 460 -10.04 7.33 4.75
C PHE A 460 -10.61 8.47 5.59
N ARG A 461 -11.01 8.20 6.82
CA ARG A 461 -11.61 9.22 7.66
C ARG A 461 -11.79 8.80 9.10
N SER A 462 -11.98 9.78 9.96
N SER A 462 -12.05 9.79 9.94
CA SER A 462 -12.57 9.59 11.29
CA SER A 462 -12.57 9.59 11.29
C SER A 462 -13.79 10.49 11.27
C SER A 462 -13.79 10.48 11.37
N GLY A 463 -14.97 9.88 11.29
CA GLY A 463 -16.20 10.66 11.20
C GLY A 463 -16.18 11.52 9.95
N SER A 464 -16.42 12.82 10.12
CA SER A 464 -16.47 13.74 9.02
C SER A 464 -15.12 14.28 8.56
N ARG A 465 -14.05 13.89 9.27
CA ARG A 465 -12.70 14.39 8.98
C ARG A 465 -11.90 13.41 8.14
N GLN A 466 -11.47 13.86 6.96
CA GLN A 466 -10.66 13.03 6.09
C GLN A 466 -9.25 12.88 6.61
N THR A 467 -8.70 11.69 6.41
CA THR A 467 -7.33 11.45 6.82
C THR A 467 -6.32 12.02 5.82
N LEU A 468 -5.08 12.11 6.28
CA LEU A 468 -3.97 12.42 5.39
C LEU A 468 -3.95 11.49 4.16
N PHE A 469 -4.11 10.18 4.41
CA PHE A 469 -4.08 9.23 3.30
C PHE A 469 -5.16 9.56 2.26
N ALA A 470 -6.39 9.79 2.73
CA ALA A 470 -7.48 10.18 1.83
C ALA A 470 -7.08 11.40 0.98
N SER A 471 -6.52 12.41 1.65
N SER A 471 -6.54 12.40 1.66
CA SER A 471 -6.17 13.65 0.96
CA SER A 471 -6.17 13.64 0.99
C SER A 471 -5.11 13.38 -0.10
C SER A 471 -5.10 13.41 -0.06
N GLN A 472 -4.13 12.54 0.23
CA GLN A 472 -3.08 12.23 -0.74
C GLN A 472 -3.58 11.40 -1.91
N VAL A 473 -4.50 10.47 -1.66
CA VAL A 473 -5.11 9.74 -2.77
C VAL A 473 -5.81 10.73 -3.71
N MET A 474 -6.62 11.62 -3.14
N MET A 474 -6.63 11.62 -3.15
CA MET A 474 -7.34 12.59 -3.97
CA MET A 474 -7.36 12.56 -4.01
C MET A 474 -6.37 13.42 -4.80
C MET A 474 -6.46 13.54 -4.75
N ARG A 475 -5.32 13.94 -4.16
N ARG A 475 -5.32 13.89 -4.15
CA ARG A 475 -4.44 14.90 -4.82
CA ARG A 475 -4.41 14.86 -4.75
C ARG A 475 -3.46 14.29 -5.82
C ARG A 475 -3.53 14.26 -5.84
N TYR A 476 -3.06 13.03 -5.61
CA TYR A 476 -1.98 12.48 -6.45
C TYR A 476 -2.33 11.25 -7.27
N ALA A 477 -3.40 10.54 -6.89
CA ALA A 477 -3.84 9.37 -7.67
C ALA A 477 -4.89 9.80 -8.67
N ASP A 478 -4.57 9.77 -9.96
CA ASP A 478 -5.56 10.17 -10.97
C ASP A 478 -6.74 9.22 -10.95
N LEU A 479 -6.42 7.94 -10.83
CA LEU A 479 -7.42 6.86 -10.73
C LEU A 479 -7.07 6.02 -9.52
N TYR A 480 -8.06 5.36 -8.94
CA TYR A 480 -7.80 4.40 -7.85
C TYR A 480 -8.86 3.33 -7.81
N ALA A 481 -8.52 2.20 -7.21
CA ALA A 481 -9.45 1.04 -7.19
C ALA A 481 -8.99 0.03 -6.17
N ALA A 482 -9.89 -0.91 -5.85
CA ALA A 482 -9.53 -2.00 -4.97
C ALA A 482 -8.48 -2.93 -5.60
N SER A 483 -8.49 -3.00 -6.92
CA SER A 483 -7.56 -3.84 -7.69
C SER A 483 -7.29 -3.20 -9.03
N PHE A 484 -6.07 -3.36 -9.55
CA PHE A 484 -5.75 -2.93 -10.91
C PHE A 484 -6.59 -3.70 -11.94
N ILE A 485 -7.08 -4.88 -11.56
CA ILE A 485 -7.79 -5.71 -12.55
C ILE A 485 -9.07 -5.03 -13.01
N ASN A 486 -9.55 -4.06 -12.24
CA ASN A 486 -10.80 -3.37 -12.59
C ASN A 486 -10.68 -2.62 -13.92
N LEU A 487 -9.45 -2.33 -14.36
CA LEU A 487 -9.24 -1.76 -15.70
C LEU A 487 -9.75 -2.65 -16.81
N LEU A 488 -9.79 -3.95 -16.56
CA LEU A 488 -10.24 -4.92 -17.55
C LEU A 488 -11.66 -4.65 -18.00
N TYR A 489 -12.46 -4.05 -17.12
CA TYR A 489 -13.91 -3.88 -17.35
C TYR A 489 -14.28 -2.60 -18.12
N TYR A 490 -13.28 -1.83 -18.55
CA TYR A 490 -13.46 -0.61 -19.31
C TYR A 490 -12.79 -0.77 -20.65
N PRO A 491 -13.36 -0.19 -21.72
CA PRO A 491 -12.64 -0.20 -23.01
C PRO A 491 -11.42 0.74 -22.99
N PHE A 492 -10.44 0.51 -23.87
CA PHE A 492 -9.19 1.31 -23.86
C PHE A 492 -9.36 2.69 -24.48
N SER A 493 -10.55 2.95 -25.00
CA SER A 493 -10.89 4.29 -25.45
C SER A 493 -11.67 5.04 -24.37
N TYR A 494 -11.85 4.42 -23.20
CA TYR A 494 -12.71 5.01 -22.18
C TYR A 494 -12.17 6.36 -21.72
N LEU A 495 -13.06 7.32 -21.50
CA LEU A 495 -12.68 8.59 -20.87
C LEU A 495 -13.17 8.57 -19.44
N PHE A 496 -12.23 8.42 -18.50
CA PHE A 496 -12.52 8.55 -17.10
C PHE A 496 -12.69 10.03 -16.83
N ARG A 497 -13.85 10.42 -16.29
CA ARG A 497 -14.19 11.84 -16.10
C ARG A 497 -14.38 12.20 -14.64
N ALA A 498 -13.81 13.35 -14.25
CA ALA A 498 -14.04 13.96 -12.97
C ALA A 498 -14.60 15.36 -13.28
N ALA A 499 -15.50 15.83 -12.42
CA ALA A 499 -16.08 17.18 -12.53
C ALA A 499 -14.99 18.25 -12.43
N HIS A 500 -15.13 19.32 -13.22
CA HIS A 500 -14.24 20.48 -13.09
C HIS A 500 -14.41 21.08 -11.70
N VAL A 501 -13.29 21.52 -11.15
CA VAL A 501 -13.24 22.11 -9.82
C VAL A 501 -13.37 23.62 -9.91
N LEU A 502 -14.19 24.17 -9.00
CA LEU A 502 -14.39 25.62 -8.87
C LEU A 502 -13.99 26.10 -7.50
N MET A 503 -13.45 27.31 -7.43
CA MET A 503 -13.21 27.96 -6.16
C MET A 503 -14.50 28.47 -5.56
N PRO A 504 -14.51 28.71 -4.23
CA PRO A 504 -15.72 29.27 -3.63
C PRO A 504 -16.27 30.53 -4.30
N HIS A 505 -15.42 31.45 -4.72
CA HIS A 505 -15.93 32.72 -5.34
C HIS A 505 -16.44 32.52 -6.77
N GLU A 506 -16.14 31.37 -7.37
CA GLU A 506 -16.52 31.07 -8.72
C GLU A 506 -17.83 30.29 -8.75
N SER A 507 -18.32 29.87 -7.57
CA SER A 507 -19.42 28.91 -7.47
C SER A 507 -20.74 29.66 -7.44
C1 GOL B . 11.77 -8.01 -21.22
O1 GOL B . 12.86 -8.90 -21.10
C2 GOL B . 11.77 -7.15 -22.50
O2 GOL B . 12.99 -6.49 -22.78
C3 GOL B . 11.34 -7.91 -23.72
O3 GOL B . 12.06 -9.12 -23.81
C1 GOL C . -9.18 -17.31 4.88
O1 GOL C . -9.37 -16.84 3.58
C2 GOL C . -7.85 -16.77 5.40
O2 GOL C . -8.05 -16.53 6.81
C3 GOL C . -7.38 -15.49 4.70
O3 GOL C . -6.45 -15.73 3.67
MG MG D . 4.09 -2.27 -3.86
S SO4 E . 0.96 16.60 0.59
O1 SO4 E . 1.37 17.26 -0.64
O2 SO4 E . 2.05 15.74 1.02
O3 SO4 E . 0.82 17.59 1.67
O4 SO4 E . -0.21 15.77 0.35
S SO4 F . 7.78 -1.03 -1.80
O1 SO4 F . 7.85 -2.45 -2.16
O2 SO4 F . 6.65 -0.95 -0.80
O3 SO4 F . 9.08 -0.68 -1.21
O4 SO4 F . 7.54 -0.28 -3.08
S SO4 G . 22.85 -10.71 12.10
O1 SO4 G . 22.43 -10.49 10.71
O2 SO4 G . 22.00 -11.71 12.74
O3 SO4 G . 24.22 -11.23 12.10
O4 SO4 G . 22.85 -9.47 12.86
S SO4 H . -10.33 19.70 24.01
O1 SO4 H . -10.27 18.46 23.25
O2 SO4 H . -11.47 19.66 24.92
O3 SO4 H . -9.11 19.89 24.81
O4 SO4 H . -10.50 20.82 23.09
S SO4 I . -8.86 20.47 15.45
O1 SO4 I . -8.32 20.42 14.08
O2 SO4 I . -9.70 19.30 15.73
O3 SO4 I . -7.79 20.52 16.45
O4 SO4 I . -9.73 21.65 15.58
O5' ADN J . 5.64 16.69 5.35
C5' ADN J . 6.31 16.86 4.11
C4' ADN J . 7.56 15.96 4.08
O4' ADN J . 7.19 14.54 4.19
C3' ADN J . 8.19 16.12 2.70
O3' ADN J . 9.57 15.74 2.77
C2' ADN J . 7.41 15.09 1.88
O2' ADN J . 8.21 14.65 0.76
C1' ADN J . 7.26 13.95 2.87
N9 ADN J . 5.98 13.15 2.68
C8 ADN J . 4.78 13.55 2.22
N7 ADN J . 3.92 12.54 2.26
C5 ADN J . 4.57 11.48 2.71
C6 ADN J . 4.20 10.17 2.94
N6 ADN J . 2.93 9.78 2.65
N1 ADN J . 5.13 9.34 3.43
C2 ADN J . 6.38 9.73 3.72
N3 ADN J . 6.79 10.97 3.50
C4 ADN J . 5.89 11.85 3.00
O5' ADN K . -14.56 9.95 19.07
C5' ADN K . -13.37 10.32 19.82
C4' ADN K . -13.19 9.44 21.10
O4' ADN K . -13.27 8.03 20.74
C3' ADN K . -11.81 9.64 21.78
O3' ADN K . -11.97 9.69 23.20
C2' ADN K . -10.99 8.39 21.44
O2' ADN K . -10.24 7.94 22.57
C1' ADN K . -12.05 7.35 21.25
N9 ADN K . -11.51 6.26 20.36
C8 ADN K . -11.03 6.33 19.09
N7 ADN K . -10.68 5.08 18.71
C5 ADN K . -10.94 4.25 19.74
C6 ADN K . -10.80 2.89 19.98
N6 ADN K . -10.31 2.08 19.06
N1 ADN K . -11.18 2.38 21.17
C2 ADN K . -11.67 3.14 22.14
N3 ADN K . -11.81 4.45 21.95
C4 ADN K . -11.46 5.01 20.77
#